data_8Q1W
#
_entry.id   8Q1W
#
_cell.length_a   38.548
_cell.length_b   38.659
_cell.length_c   44.049
_cell.angle_alpha   90.480
_cell.angle_beta   90.591
_cell.angle_gamma   94.481
#
_symmetry.space_group_name_H-M   'P 1'
#
loop_
_entity.id
_entity.type
_entity.pdbx_description
1 polymer 'Putative lipoprotein'
2 non-polymer 'HEME C'
3 non-polymer 'CHLORIDE ION'
4 non-polymer 'SODIUM ION'
5 water water
#
_entity_poly.entity_id   1
_entity_poly.type   'polypeptide(L)'
_entity_poly.pdbx_seq_one_letter_code
;GYVGNAANGQLLYANATLDCTNCHGAMGDGLYKIDPHATVFGQNNKTLENIIAEDMPQLNPASCGAECAADIAAYIRTWA
GLEHHHHHH
;
_entity_poly.pdbx_strand_id   A,B,C
#
# COMPACT_ATOMS: atom_id res chain seq x y z
N TYR A 2 4.66 12.46 25.22
CA TYR A 2 4.17 11.59 24.10
C TYR A 2 5.36 11.05 23.31
N VAL A 3 5.39 9.72 23.09
CA VAL A 3 6.44 9.05 22.34
C VAL A 3 5.77 8.28 21.22
N GLY A 4 6.13 8.63 19.98
CA GLY A 4 5.43 8.13 18.80
C GLY A 4 5.39 6.62 18.74
N ASN A 5 4.26 6.12 18.23
CA ASN A 5 4.03 4.70 18.05
C ASN A 5 4.10 4.42 16.56
N ALA A 6 5.21 3.78 16.14
CA ALA A 6 5.50 3.59 14.74
C ALA A 6 4.45 2.71 14.07
N ALA A 7 3.87 1.73 14.80
CA ALA A 7 2.88 0.86 14.20
C ALA A 7 1.69 1.71 13.76
N ASN A 8 1.22 2.58 14.65
CA ASN A 8 0.13 3.49 14.34
C ASN A 8 0.52 4.48 13.25
N GLY A 9 1.80 4.89 13.27
CA GLY A 9 2.33 5.79 12.25
C GLY A 9 2.19 5.21 10.84
N GLN A 10 2.48 3.91 10.70
CA GLN A 10 2.33 3.21 9.44
C GLN A 10 0.89 3.33 8.95
N LEU A 11 -0.08 3.08 9.86
CA LEU A 11 -1.49 3.15 9.51
C LEU A 11 -1.88 4.57 9.09
N LEU A 12 -1.42 5.58 9.84
CA LEU A 12 -1.77 6.96 9.53
C LEU A 12 -1.15 7.41 8.22
N TYR A 13 0.11 7.03 8.00
CA TYR A 13 0.84 7.47 6.82
C TYR A 13 0.13 6.95 5.58
N ALA A 14 -0.43 5.74 5.66
CA ALA A 14 -1.05 5.10 4.50
C ALA A 14 -2.53 5.48 4.37
N ASN A 15 -3.06 6.23 5.35
CA ASN A 15 -4.47 6.60 5.36
C ASN A 15 -4.75 7.58 4.23
N ALA A 16 -5.79 7.31 3.45
CA ALA A 16 -6.05 8.10 2.25
C ALA A 16 -6.63 9.47 2.59
N THR A 17 -7.22 9.65 3.79
CA THR A 17 -7.63 10.97 4.22
C THR A 17 -6.41 11.88 4.37
N LEU A 18 -5.31 11.35 4.89
CA LEU A 18 -4.08 12.13 5.04
C LEU A 18 -3.34 12.20 3.70
N ASP A 19 -3.33 11.07 2.99
CA ASP A 19 -2.87 10.95 1.62
C ASP A 19 -1.40 11.30 1.47
N CYS A 20 -0.58 11.00 2.49
CA CYS A 20 0.84 11.32 2.44
C CYS A 20 1.52 10.63 1.25
N THR A 21 1.06 9.42 0.90
CA THR A 21 1.73 8.64 -0.14
C THR A 21 1.56 9.22 -1.54
N ASN A 22 0.46 9.95 -1.78
CA ASN A 22 0.20 10.54 -3.09
C ASN A 22 1.30 11.55 -3.47
N CYS A 23 1.82 12.26 -2.48
CA CYS A 23 2.81 13.30 -2.71
C CYS A 23 4.23 12.84 -2.38
N HIS A 24 4.39 11.90 -1.45
CA HIS A 24 5.69 11.53 -0.93
C HIS A 24 6.10 10.09 -1.24
N GLY A 25 5.20 9.28 -1.77
CA GLY A 25 5.49 7.87 -2.00
C GLY A 25 5.37 7.02 -0.73
N ALA A 26 5.38 5.69 -0.91
CA ALA A 26 5.36 4.75 0.21
C ALA A 26 6.58 4.87 1.11
N MET A 27 7.74 5.26 0.56
CA MET A 27 8.93 5.34 1.38
C MET A 27 9.67 6.64 1.11
N GLY A 28 8.92 7.71 0.79
CA GLY A 28 9.51 9.03 0.74
C GLY A 28 10.31 9.29 -0.54
N ASP A 29 10.05 8.50 -1.59
CA ASP A 29 10.76 8.59 -2.86
C ASP A 29 9.81 9.05 -3.97
N GLY A 30 8.66 9.62 -3.57
CA GLY A 30 7.67 10.18 -4.48
C GLY A 30 8.10 11.54 -5.03
N LEU A 31 7.10 12.28 -5.49
CA LEU A 31 7.32 13.57 -6.13
C LEU A 31 8.09 14.50 -5.20
N TYR A 32 7.68 14.55 -3.93
CA TYR A 32 8.41 15.32 -2.93
C TYR A 32 9.11 14.35 -1.98
N LYS A 33 10.44 14.43 -1.90
CA LYS A 33 11.24 13.48 -1.15
C LYS A 33 11.16 13.76 0.36
N ILE A 34 11.30 12.70 1.16
CA ILE A 34 11.49 12.81 2.60
C ILE A 34 12.78 12.06 2.91
N ASP A 35 13.71 12.72 3.59
CA ASP A 35 14.97 12.12 4.04
C ASP A 35 14.79 11.60 5.46
N PRO A 36 14.72 10.27 5.72
CA PRO A 36 14.40 9.77 7.07
C PRO A 36 15.53 9.87 8.10
N HIS A 37 16.73 10.25 7.66
CA HIS A 37 17.89 10.41 8.53
C HIS A 37 17.97 11.81 9.11
N ALA A 38 17.43 12.82 8.39
CA ALA A 38 17.60 14.22 8.74
C ALA A 38 16.87 14.55 10.05
N THR A 39 17.42 15.52 10.81
CA THR A 39 16.79 15.95 12.05
C THR A 39 16.27 17.39 11.95
N VAL A 40 16.55 18.12 10.85
CA VAL A 40 15.99 19.45 10.67
C VAL A 40 15.30 19.52 9.29
N PHE A 41 14.13 20.18 9.23
CA PHE A 41 13.32 20.20 8.03
C PHE A 41 12.82 21.62 7.75
N GLY A 42 12.98 22.05 6.49
CA GLY A 42 12.45 23.33 6.04
C GLY A 42 13.30 24.51 6.50
N GLN A 43 12.75 25.73 6.35
CA GLN A 43 13.50 26.96 6.51
C GLN A 43 13.41 27.50 7.94
N ASN A 44 12.64 26.84 8.80
CA ASN A 44 12.64 27.16 10.22
C ASN A 44 13.31 26.02 10.99
N ASN A 45 14.05 25.18 10.25
CA ASN A 45 14.75 24.01 10.79
C ASN A 45 13.90 23.32 11.86
N LYS A 46 12.69 22.92 11.45
CA LYS A 46 11.75 22.21 12.30
C LYS A 46 12.18 20.76 12.49
N THR A 47 11.71 20.14 13.57
CA THR A 47 11.82 18.70 13.74
C THR A 47 10.87 18.02 12.75
N LEU A 48 11.14 16.74 12.48
CA LEU A 48 10.23 15.94 11.67
C LEU A 48 8.79 16.03 12.18
N GLU A 49 8.60 15.90 13.49
CA GLU A 49 7.29 15.93 14.10
C GLU A 49 6.59 17.27 13.83
N ASN A 50 7.33 18.37 14.00
CA ASN A 50 6.75 19.69 13.96
C ASN A 50 6.45 20.12 12.52
N ILE A 51 7.25 19.69 11.53
CA ILE A 51 6.94 19.99 10.15
C ILE A 51 5.62 19.28 9.76
N ILE A 52 5.41 18.05 10.24
CA ILE A 52 4.20 17.30 9.92
C ILE A 52 3.03 17.92 10.69
N ALA A 53 3.24 18.24 11.97
CA ALA A 53 2.14 18.74 12.78
C ALA A 53 1.66 20.06 12.20
N GLU A 54 2.61 20.94 11.87
CA GLU A 54 2.29 22.31 11.55
C GLU A 54 1.90 22.47 10.08
N ASP A 55 2.40 21.60 9.16
CA ASP A 55 2.35 21.89 7.73
C ASP A 55 1.74 20.77 6.90
N MET A 56 1.58 19.55 7.44
CA MET A 56 1.14 18.43 6.61
C MET A 56 -0.13 17.74 7.14
N PRO A 57 -0.99 17.16 6.29
CA PRO A 57 -0.91 17.28 4.84
C PRO A 57 -1.35 18.68 4.42
N GLN A 58 -0.98 19.06 3.19
CA GLN A 58 -1.17 20.42 2.73
C GLN A 58 -2.67 20.70 2.64
N LEU A 59 -3.48 19.71 2.26
CA LEU A 59 -4.93 19.88 2.15
C LEU A 59 -5.50 20.48 3.43
N ASN A 60 -5.03 19.98 4.56
CA ASN A 60 -5.48 20.47 5.85
C ASN A 60 -4.50 20.05 6.93
N PRO A 61 -3.54 20.93 7.29
CA PRO A 61 -2.55 20.63 8.32
C PRO A 61 -3.14 20.16 9.65
N ALA A 62 -4.27 20.72 10.07
CA ALA A 62 -4.86 20.41 11.35
C ALA A 62 -5.39 18.97 11.43
N SER A 63 -5.51 18.28 10.28
CA SER A 63 -5.98 16.89 10.29
C SER A 63 -4.95 15.93 10.84
N CYS A 64 -3.69 16.37 11.01
CA CYS A 64 -2.66 15.52 11.59
C CYS A 64 -1.91 16.37 12.60
N GLY A 65 -2.31 16.27 13.87
CA GLY A 65 -1.74 17.08 14.94
C GLY A 65 -0.50 16.45 15.54
N ALA A 66 -0.16 16.91 16.75
CA ALA A 66 1.07 16.56 17.44
C ALA A 66 1.24 15.05 17.59
N GLU A 67 0.18 14.37 18.05
CA GLU A 67 0.23 12.94 18.31
C GLU A 67 0.40 12.18 17.00
N CYS A 68 -0.49 12.46 16.03
CA CYS A 68 -0.43 11.88 14.70
C CYS A 68 0.98 12.03 14.11
N ALA A 69 1.56 13.24 14.24
CA ALA A 69 2.84 13.59 13.64
C ALA A 69 3.94 12.77 14.28
N ALA A 70 3.88 12.62 15.62
CA ALA A 70 4.88 11.86 16.35
C ALA A 70 4.84 10.39 15.92
N ASP A 71 3.64 9.82 15.81
CA ASP A 71 3.49 8.44 15.37
C ASP A 71 4.06 8.29 13.95
N ILE A 72 3.62 9.16 13.02
CA ILE A 72 4.10 9.08 11.64
C ILE A 72 5.62 9.26 11.61
N ALA A 73 6.17 10.24 12.33
CA ALA A 73 7.61 10.44 12.38
C ALA A 73 8.35 9.16 12.83
N ALA A 74 7.85 8.49 13.88
CA ALA A 74 8.43 7.25 14.39
C ALA A 74 8.48 6.19 13.27
N TYR A 75 7.42 6.14 12.46
CA TYR A 75 7.39 5.23 11.32
C TYR A 75 8.42 5.67 10.25
N ILE A 76 8.46 6.97 9.92
CA ILE A 76 9.37 7.46 8.89
C ILE A 76 10.83 7.09 9.20
N ARG A 77 11.24 7.16 10.47
CA ARG A 77 12.61 6.81 10.82
C ARG A 77 12.98 5.39 10.38
N THR A 78 11.98 4.48 10.30
CA THR A 78 12.25 3.10 9.94
C THR A 78 12.64 2.95 8.48
N TRP A 79 12.36 3.96 7.62
CA TRP A 79 12.69 3.89 6.21
C TRP A 79 14.20 3.90 5.99
N ALA A 80 14.92 4.45 6.95
CA ALA A 80 16.37 4.44 6.89
C ALA A 80 16.90 3.01 6.80
N GLY A 81 16.11 2.01 7.20
CA GLY A 81 16.54 0.61 7.15
C GLY A 81 16.21 -0.06 5.83
N GLY B 1 -16.87 -20.82 10.75
CA GLY B 1 -17.00 -19.68 9.82
C GLY B 1 -15.63 -19.23 9.31
N TYR B 2 -15.64 -18.59 8.13
CA TYR B 2 -14.46 -17.92 7.63
C TYR B 2 -14.31 -16.62 8.43
N VAL B 3 -13.09 -16.21 8.71
CA VAL B 3 -12.83 -14.94 9.38
C VAL B 3 -11.85 -14.16 8.49
N GLY B 4 -12.33 -13.03 7.95
CA GLY B 4 -11.59 -12.22 7.00
C GLY B 4 -10.17 -11.90 7.47
N ASN B 5 -9.23 -11.96 6.53
CA ASN B 5 -7.85 -11.60 6.76
C ASN B 5 -7.60 -10.21 6.16
N ALA B 6 -7.40 -9.21 7.02
CA ALA B 6 -7.27 -7.82 6.58
C ALA B 6 -6.04 -7.61 5.68
N ALA B 7 -4.94 -8.32 5.98
CA ALA B 7 -3.74 -8.22 5.17
C ALA B 7 -4.02 -8.69 3.74
N ASN B 8 -4.74 -9.81 3.61
CA ASN B 8 -5.15 -10.24 2.29
C ASN B 8 -6.04 -9.19 1.66
N GLY B 9 -6.99 -8.66 2.44
CA GLY B 9 -7.95 -7.69 1.95
C GLY B 9 -7.29 -6.41 1.43
N GLN B 10 -6.22 -5.95 2.09
CA GLN B 10 -5.45 -4.82 1.59
C GLN B 10 -5.05 -5.03 0.12
N LEU B 11 -4.53 -6.21 -0.19
CA LEU B 11 -4.02 -6.49 -1.52
C LEU B 11 -5.14 -6.75 -2.52
N LEU B 12 -6.20 -7.41 -2.04
CA LEU B 12 -7.33 -7.75 -2.89
C LEU B 12 -8.07 -6.48 -3.28
N TYR B 13 -8.23 -5.55 -2.32
CA TYR B 13 -8.91 -4.30 -2.63
C TYR B 13 -8.15 -3.52 -3.69
N ALA B 14 -6.82 -3.62 -3.68
CA ALA B 14 -5.98 -2.84 -4.59
C ALA B 14 -5.74 -3.61 -5.89
N ASN B 15 -6.21 -4.86 -5.96
CA ASN B 15 -6.03 -5.75 -7.12
C ASN B 15 -6.45 -5.02 -8.40
N ALA B 16 -5.58 -5.08 -9.42
CA ALA B 16 -5.79 -4.36 -10.68
C ALA B 16 -7.00 -4.89 -11.44
N THR B 17 -7.24 -6.20 -11.39
CA THR B 17 -8.35 -6.85 -12.07
C THR B 17 -9.68 -6.51 -11.42
N LEU B 18 -9.78 -6.63 -10.08
CA LEU B 18 -11.02 -6.28 -9.37
C LEU B 18 -11.31 -4.79 -9.53
N ASP B 19 -10.28 -3.96 -9.40
CA ASP B 19 -10.33 -2.55 -9.78
C ASP B 19 -11.27 -1.75 -8.89
N CYS B 20 -11.38 -2.15 -7.61
CA CYS B 20 -12.20 -1.45 -6.63
C CYS B 20 -11.80 0.02 -6.53
N THR B 21 -10.49 0.30 -6.58
CA THR B 21 -9.99 1.62 -6.32
C THR B 21 -10.40 2.59 -7.43
N ASN B 22 -10.58 2.08 -8.66
CA ASN B 22 -10.91 2.97 -9.76
C ASN B 22 -12.26 3.64 -9.47
N CYS B 23 -13.20 2.90 -8.86
CA CYS B 23 -14.54 3.40 -8.61
C CYS B 23 -14.67 4.02 -7.21
N HIS B 24 -13.97 3.48 -6.22
CA HIS B 24 -14.23 3.82 -4.83
C HIS B 24 -13.10 4.62 -4.18
N GLY B 25 -11.99 4.76 -4.88
CA GLY B 25 -10.83 5.42 -4.30
C GLY B 25 -10.05 4.47 -3.40
N ALA B 26 -8.94 4.96 -2.85
CA ALA B 26 -8.10 4.14 -2.00
C ALA B 26 -8.85 3.75 -0.74
N MET B 27 -9.70 4.63 -0.21
CA MET B 27 -10.41 4.32 1.02
C MET B 27 -11.83 4.87 1.00
N GLY B 28 -12.53 4.62 -0.11
CA GLY B 28 -13.97 4.81 -0.15
C GLY B 28 -14.41 6.26 -0.26
N ASP B 29 -13.48 7.18 -0.56
CA ASP B 29 -13.83 8.57 -0.78
C ASP B 29 -13.60 8.97 -2.24
N GLY B 30 -13.64 7.99 -3.16
CA GLY B 30 -13.56 8.24 -4.60
C GLY B 30 -14.93 8.54 -5.20
N LEU B 31 -15.18 8.07 -6.43
CA LEU B 31 -16.34 8.50 -7.20
C LEU B 31 -17.63 8.03 -6.53
N TYR B 32 -17.62 6.76 -6.11
CA TYR B 32 -18.68 6.16 -5.33
C TYR B 32 -18.17 5.93 -3.91
N LYS B 33 -18.96 6.35 -2.91
CA LYS B 33 -18.54 6.32 -1.52
C LYS B 33 -18.83 4.97 -0.86
N ILE B 34 -17.91 4.61 0.04
CA ILE B 34 -18.09 3.50 0.97
C ILE B 34 -17.95 4.06 2.38
N ASP B 35 -18.93 3.78 3.24
CA ASP B 35 -18.87 4.12 4.66
C ASP B 35 -18.29 2.93 5.42
N PRO B 36 -17.04 3.00 5.94
CA PRO B 36 -16.44 1.85 6.61
C PRO B 36 -16.98 1.50 8.00
N HIS B 37 -17.86 2.37 8.55
CA HIS B 37 -18.45 2.19 9.86
C HIS B 37 -19.84 1.54 9.78
N ALA B 38 -20.50 1.59 8.63
CA ALA B 38 -21.87 1.09 8.51
C ALA B 38 -21.89 -0.42 8.68
N THR B 39 -22.99 -0.93 9.22
CA THR B 39 -23.18 -2.37 9.42
C THR B 39 -24.22 -2.93 8.44
N VAL B 40 -25.04 -2.07 7.82
CA VAL B 40 -26.00 -2.49 6.79
C VAL B 40 -25.71 -1.67 5.54
N PHE B 41 -25.86 -2.30 4.37
CA PHE B 41 -25.55 -1.69 3.08
C PHE B 41 -26.66 -1.95 2.08
N GLY B 42 -27.03 -0.88 1.34
CA GLY B 42 -27.97 -0.98 0.24
C GLY B 42 -29.42 -1.07 0.70
N GLN B 43 -30.33 -1.21 -0.28
CA GLN B 43 -31.75 -1.25 -0.01
C GLN B 43 -32.16 -2.55 0.69
N ASN B 44 -31.31 -3.59 0.64
CA ASN B 44 -31.64 -4.88 1.23
C ASN B 44 -30.87 -5.11 2.52
N ASN B 45 -30.20 -4.06 3.03
CA ASN B 45 -29.51 -4.09 4.31
C ASN B 45 -28.60 -5.31 4.41
N LYS B 46 -27.73 -5.46 3.42
CA LYS B 46 -26.78 -6.56 3.49
C LYS B 46 -25.61 -6.12 4.36
N THR B 47 -24.91 -7.11 4.91
CA THR B 47 -23.63 -6.90 5.56
C THR B 47 -22.61 -6.45 4.52
N LEU B 48 -21.51 -5.85 5.00
CA LEU B 48 -20.41 -5.44 4.15
C LEU B 48 -19.94 -6.62 3.28
N GLU B 49 -19.73 -7.78 3.90
CA GLU B 49 -19.24 -8.96 3.21
C GLU B 49 -20.18 -9.38 2.08
N ASN B 50 -21.49 -9.36 2.36
CA ASN B 50 -22.47 -9.89 1.41
C ASN B 50 -22.69 -8.91 0.25
N ILE B 51 -22.55 -7.61 0.49
CA ILE B 51 -22.77 -6.62 -0.57
C ILE B 51 -21.62 -6.76 -1.58
N ILE B 52 -20.41 -7.03 -1.08
CA ILE B 52 -19.23 -7.22 -1.91
C ILE B 52 -19.34 -8.55 -2.63
N ALA B 53 -19.68 -9.61 -1.90
CA ALA B 53 -19.77 -10.95 -2.49
C ALA B 53 -20.80 -10.94 -3.61
N GLU B 54 -21.99 -10.40 -3.35
CA GLU B 54 -23.11 -10.54 -4.27
C GLU B 54 -23.04 -9.52 -5.42
N ASP B 55 -22.47 -8.33 -5.22
CA ASP B 55 -22.67 -7.22 -6.14
C ASP B 55 -21.37 -6.61 -6.68
N MET B 56 -20.20 -6.89 -6.08
CA MET B 56 -18.98 -6.19 -6.47
C MET B 56 -17.87 -7.14 -6.89
N PRO B 57 -16.98 -6.78 -7.84
CA PRO B 57 -17.08 -5.55 -8.62
C PRO B 57 -18.27 -5.66 -9.58
N GLN B 58 -18.76 -4.53 -10.10
CA GLN B 58 -19.95 -4.55 -10.93
C GLN B 58 -19.71 -5.31 -12.23
N LEU B 59 -18.50 -5.22 -12.79
CA LEU B 59 -18.17 -5.90 -14.04
C LEU B 59 -18.52 -7.38 -13.96
N ASN B 60 -18.17 -7.99 -12.84
CA ASN B 60 -18.42 -9.40 -12.67
C ASN B 60 -18.41 -9.72 -11.19
N PRO B 61 -19.55 -9.63 -10.48
CA PRO B 61 -19.58 -9.89 -9.03
C PRO B 61 -19.01 -11.25 -8.62
N ALA B 62 -19.13 -12.29 -9.47
CA ALA B 62 -18.66 -13.61 -9.10
C ALA B 62 -17.13 -13.68 -8.98
N SER B 63 -16.41 -12.69 -9.51
CA SER B 63 -14.94 -12.70 -9.42
C SER B 63 -14.43 -12.40 -8.01
N CYS B 64 -15.28 -11.92 -7.08
CA CYS B 64 -14.88 -11.73 -5.69
C CYS B 64 -15.99 -12.35 -4.85
N GLY B 65 -15.83 -13.63 -4.49
CA GLY B 65 -16.82 -14.33 -3.69
C GLY B 65 -16.60 -14.15 -2.18
N ALA B 66 -17.08 -15.12 -1.40
CA ALA B 66 -17.28 -14.94 0.04
C ALA B 66 -15.98 -14.68 0.80
N GLU B 67 -14.92 -15.44 0.48
CA GLU B 67 -13.66 -15.29 1.18
C GLU B 67 -12.99 -13.98 0.78
N CYS B 68 -12.94 -13.72 -0.53
CA CYS B 68 -12.44 -12.45 -1.07
C CYS B 68 -13.15 -11.30 -0.35
N ALA B 69 -14.50 -11.36 -0.32
CA ALA B 69 -15.35 -10.35 0.28
C ALA B 69 -15.06 -10.19 1.77
N ALA B 70 -14.84 -11.30 2.47
CA ALA B 70 -14.60 -11.25 3.91
C ALA B 70 -13.24 -10.60 4.21
N ASP B 71 -12.22 -10.93 3.39
CA ASP B 71 -10.92 -10.32 3.51
C ASP B 71 -11.04 -8.82 3.25
N ILE B 72 -11.72 -8.44 2.17
CA ILE B 72 -11.77 -7.04 1.78
C ILE B 72 -12.51 -6.27 2.87
N ALA B 73 -13.61 -6.85 3.36
CA ALA B 73 -14.36 -6.21 4.43
C ALA B 73 -13.48 -5.94 5.65
N ALA B 74 -12.68 -6.93 6.07
CA ALA B 74 -11.81 -6.76 7.23
C ALA B 74 -10.86 -5.58 7.02
N TYR B 75 -10.36 -5.40 5.78
CA TYR B 75 -9.47 -4.30 5.46
C TYR B 75 -10.24 -2.97 5.47
N ILE B 76 -11.43 -2.96 4.88
CA ILE B 76 -12.23 -1.73 4.87
C ILE B 76 -12.52 -1.21 6.28
N ARG B 77 -12.69 -2.08 7.27
CA ARG B 77 -12.95 -1.61 8.63
C ARG B 77 -11.80 -0.74 9.16
N THR B 78 -10.57 -0.97 8.69
CA THR B 78 -9.41 -0.24 9.16
C THR B 78 -9.36 1.19 8.64
N TRP B 79 -10.18 1.51 7.64
CA TRP B 79 -10.17 2.83 7.03
C TRP B 79 -10.54 3.92 8.03
N ALA B 80 -11.30 3.58 9.07
CA ALA B 80 -11.82 4.58 9.99
C ALA B 80 -10.75 5.08 10.97
N TYR C 2 23.23 -12.78 1.16
CA TYR C 2 22.11 -11.82 1.38
C TYR C 2 20.78 -12.57 1.44
N VAL C 3 19.95 -12.27 2.43
CA VAL C 3 18.64 -12.89 2.59
C VAL C 3 17.59 -11.78 2.64
N GLY C 4 16.59 -11.88 1.77
CA GLY C 4 15.61 -10.83 1.58
C GLY C 4 14.80 -10.53 2.84
N ASN C 5 14.50 -9.26 3.03
CA ASN C 5 13.67 -8.76 4.11
C ASN C 5 12.35 -8.29 3.50
N ALA C 6 11.26 -8.98 3.84
CA ALA C 6 9.98 -8.80 3.17
C ALA C 6 9.33 -7.49 3.58
N ALA C 7 9.61 -6.99 4.80
CA ALA C 7 9.08 -5.70 5.20
C ALA C 7 9.65 -4.58 4.32
N ASN C 8 10.96 -4.66 4.07
CA ASN C 8 11.66 -3.78 3.13
C ASN C 8 11.05 -3.92 1.75
N GLY C 9 10.87 -5.19 1.33
CA GLY C 9 10.36 -5.54 0.01
C GLY C 9 8.98 -4.94 -0.29
N GLN C 10 8.12 -4.86 0.73
CA GLN C 10 6.78 -4.29 0.60
C GLN C 10 6.87 -2.81 0.27
N LEU C 11 7.79 -2.08 0.91
CA LEU C 11 7.95 -0.66 0.65
C LEU C 11 8.63 -0.44 -0.70
N LEU C 12 9.64 -1.26 -1.03
CA LEU C 12 10.36 -1.07 -2.28
C LEU C 12 9.47 -1.40 -3.46
N TYR C 13 8.64 -2.44 -3.34
CA TYR C 13 7.72 -2.76 -4.40
C TYR C 13 6.76 -1.60 -4.66
N ALA C 14 6.31 -0.94 -3.59
CA ALA C 14 5.38 0.19 -3.70
C ALA C 14 6.12 1.50 -4.02
N ASN C 15 7.46 1.47 -4.10
CA ASN C 15 8.25 2.68 -4.28
C ASN C 15 7.79 3.43 -5.53
N ALA C 16 7.59 4.75 -5.38
CA ALA C 16 7.01 5.56 -6.45
C ALA C 16 7.96 5.67 -7.63
N THR C 17 9.28 5.64 -7.39
CA THR C 17 10.26 5.72 -8.46
C THR C 17 10.36 4.38 -9.20
N LEU C 18 10.43 3.26 -8.47
CA LEU C 18 10.49 1.96 -9.11
C LEU C 18 9.18 1.67 -9.85
N ASP C 19 8.05 2.03 -9.25
CA ASP C 19 6.77 2.04 -9.93
C ASP C 19 6.41 0.64 -10.44
N CYS C 20 6.74 -0.42 -9.68
CA CYS C 20 6.40 -1.79 -10.07
C CYS C 20 4.88 -1.95 -10.21
N THR C 21 4.13 -1.24 -9.36
CA THR C 21 2.70 -1.48 -9.26
C THR C 21 1.99 -0.99 -10.52
N ASN C 22 2.56 -0.03 -11.24
CA ASN C 22 1.86 0.50 -12.40
C ASN C 22 1.76 -0.59 -13.46
N CYS C 23 2.79 -1.43 -13.54
CA CYS C 23 2.88 -2.42 -14.60
C CYS C 23 2.33 -3.76 -14.13
N HIS C 24 2.48 -4.06 -12.83
CA HIS C 24 2.26 -5.41 -12.32
C HIS C 24 1.08 -5.49 -11.34
N GLY C 25 0.56 -4.35 -10.90
CA GLY C 25 -0.50 -4.27 -9.91
C GLY C 25 0.04 -4.42 -8.50
N ALA C 26 -0.85 -4.33 -7.50
CA ALA C 26 -0.45 -4.48 -6.10
C ALA C 26 -0.11 -5.94 -5.75
N MET C 27 -0.71 -6.93 -6.45
CA MET C 27 -0.45 -8.34 -6.16
C MET C 27 -0.23 -9.14 -7.44
N GLY C 28 0.33 -8.53 -8.48
CA GLY C 28 0.81 -9.27 -9.65
C GLY C 28 -0.29 -9.65 -10.65
N ASP C 29 -1.48 -9.03 -10.53
CA ASP C 29 -2.59 -9.32 -11.44
C ASP C 29 -2.89 -8.09 -12.29
N GLY C 30 -1.89 -7.20 -12.46
CA GLY C 30 -2.00 -6.04 -13.33
C GLY C 30 -1.75 -6.40 -14.79
N LEU C 31 -1.36 -5.41 -15.57
CA LEU C 31 -1.25 -5.57 -17.02
C LEU C 31 -0.29 -6.72 -17.34
N TYR C 32 0.86 -6.73 -16.66
CA TYR C 32 1.82 -7.80 -16.80
C TYR C 32 1.82 -8.66 -15.53
N LYS C 33 1.62 -9.98 -15.69
CA LYS C 33 1.38 -10.86 -14.56
C LYS C 33 2.70 -11.26 -13.91
N ILE C 34 2.68 -11.39 -12.59
CA ILE C 34 3.74 -12.05 -11.85
C ILE C 34 3.11 -13.26 -11.18
N ASP C 35 3.68 -14.44 -11.41
CA ASP C 35 3.27 -15.65 -10.74
C ASP C 35 4.17 -15.84 -9.52
N PRO C 36 3.66 -15.59 -8.28
CA PRO C 36 4.47 -15.67 -7.07
C PRO C 36 4.84 -17.10 -6.64
N HIS C 37 4.29 -18.10 -7.34
CA HIS C 37 4.61 -19.50 -7.10
C HIS C 37 5.80 -19.97 -7.92
N ALA C 38 6.06 -19.33 -9.08
CA ALA C 38 7.09 -19.81 -9.99
C ALA C 38 8.48 -19.62 -9.39
N THR C 39 9.41 -20.51 -9.77
CA THR C 39 10.79 -20.44 -9.30
C THR C 39 11.73 -20.12 -10.45
N VAL C 40 11.29 -20.24 -11.70
CA VAL C 40 12.13 -19.79 -12.80
C VAL C 40 11.35 -18.83 -13.67
N PHE C 41 12.05 -17.81 -14.20
CA PHE C 41 11.40 -16.72 -14.91
C PHE C 41 12.13 -16.41 -16.20
N GLY C 42 11.35 -16.25 -17.28
CA GLY C 42 11.89 -15.79 -18.54
C GLY C 42 12.57 -16.92 -19.32
N GLN C 43 13.15 -16.53 -20.46
CA GLN C 43 13.69 -17.45 -21.44
C GLN C 43 14.98 -18.08 -20.92
N ASN C 44 15.58 -17.47 -19.87
CA ASN C 44 16.87 -17.93 -19.34
C ASN C 44 16.70 -18.56 -17.96
N ASN C 45 15.45 -18.81 -17.57
CA ASN C 45 15.10 -19.53 -16.34
C ASN C 45 15.82 -18.94 -15.14
N LYS C 46 15.67 -17.62 -15.01
CA LYS C 46 16.27 -16.91 -13.90
C LYS C 46 15.41 -17.07 -12.65
N THR C 47 16.07 -16.88 -11.50
CA THR C 47 15.38 -16.78 -10.23
C THR C 47 14.56 -15.49 -10.21
N LEU C 48 13.54 -15.48 -9.35
CA LEU C 48 12.77 -14.27 -9.12
C LEU C 48 13.71 -13.11 -8.81
N GLU C 49 14.74 -13.36 -7.99
CA GLU C 49 15.64 -12.31 -7.54
C GLU C 49 16.45 -11.75 -8.70
N ASN C 50 16.96 -12.63 -9.56
CA ASN C 50 17.83 -12.21 -10.65
C ASN C 50 17.03 -11.58 -11.80
N ILE C 51 15.79 -12.01 -12.03
CA ILE C 51 15.02 -11.38 -13.08
C ILE C 51 14.75 -9.93 -12.67
N ILE C 52 14.51 -9.69 -11.38
CA ILE C 52 14.22 -8.35 -10.90
C ILE C 52 15.50 -7.51 -10.96
N ALA C 53 16.61 -8.08 -10.45
CA ALA C 53 17.88 -7.38 -10.42
C ALA C 53 18.30 -6.98 -11.84
N GLU C 54 18.25 -7.92 -12.79
CA GLU C 54 18.82 -7.68 -14.11
C GLU C 54 17.90 -6.87 -15.02
N ASP C 55 16.58 -6.99 -14.85
CA ASP C 55 15.67 -6.56 -15.90
C ASP C 55 14.64 -5.53 -15.42
N MET C 56 14.46 -5.35 -14.10
CA MET C 56 13.35 -4.54 -13.61
C MET C 56 13.85 -3.40 -12.70
N PRO C 57 13.19 -2.24 -12.63
CA PRO C 57 12.11 -1.88 -13.54
C PRO C 57 12.70 -1.63 -14.92
N GLN C 58 11.85 -1.62 -15.94
CA GLN C 58 12.34 -1.54 -17.30
C GLN C 58 12.93 -0.17 -17.61
N LEU C 59 12.42 0.89 -16.98
CA LEU C 59 12.93 2.24 -17.18
C LEU C 59 14.43 2.28 -16.92
N ASN C 60 14.84 1.65 -15.81
CA ASN C 60 16.25 1.57 -15.46
C ASN C 60 16.47 0.39 -14.52
N PRO C 61 16.85 -0.79 -15.06
CA PRO C 61 17.07 -1.98 -14.22
C PRO C 61 18.11 -1.80 -13.12
N ALA C 62 19.05 -0.88 -13.32
CA ALA C 62 20.09 -0.66 -12.32
C ALA C 62 19.55 0.01 -11.07
N SER C 63 18.31 0.53 -11.07
CA SER C 63 17.78 1.23 -9.91
C SER C 63 17.26 0.26 -8.84
N CYS C 64 17.15 -1.05 -9.15
CA CYS C 64 16.82 -2.06 -8.17
C CYS C 64 17.80 -3.21 -8.34
N GLY C 65 18.89 -3.20 -7.58
CA GLY C 65 19.93 -4.19 -7.75
C GLY C 65 19.69 -5.42 -6.89
N ALA C 66 20.77 -6.15 -6.58
CA ALA C 66 20.66 -7.49 -6.01
C ALA C 66 19.91 -7.49 -4.69
N GLU C 67 20.24 -6.54 -3.80
CA GLU C 67 19.66 -6.49 -2.47
C GLU C 67 18.18 -6.10 -2.54
N CYS C 68 17.87 -5.02 -3.27
CA CYS C 68 16.52 -4.56 -3.53
C CYS C 68 15.67 -5.73 -4.07
N ALA C 69 16.20 -6.42 -5.08
CA ALA C 69 15.52 -7.53 -5.72
C ALA C 69 15.19 -8.62 -4.71
N ALA C 70 16.13 -8.88 -3.80
CA ALA C 70 15.96 -9.94 -2.82
C ALA C 70 14.83 -9.61 -1.83
N ASP C 71 14.83 -8.36 -1.35
CA ASP C 71 13.77 -7.88 -0.48
C ASP C 71 12.42 -7.94 -1.22
N ILE C 72 12.37 -7.42 -2.45
CA ILE C 72 11.11 -7.43 -3.20
C ILE C 72 10.67 -8.87 -3.46
N ALA C 73 11.62 -9.74 -3.83
CA ALA C 73 11.29 -11.14 -4.04
C ALA C 73 10.67 -11.77 -2.77
N ALA C 74 11.27 -11.46 -1.61
CA ALA C 74 10.79 -11.94 -0.31
C ALA C 74 9.36 -11.49 -0.07
N TYR C 75 9.01 -10.26 -0.50
CA TYR C 75 7.64 -9.78 -0.34
C TYR C 75 6.69 -10.47 -1.33
N ILE C 76 7.10 -10.63 -2.58
CA ILE C 76 6.27 -11.22 -3.62
C ILE C 76 5.84 -12.64 -3.26
N ARG C 77 6.68 -13.41 -2.56
CA ARG C 77 6.35 -14.77 -2.18
C ARG C 77 5.11 -14.78 -1.29
N THR C 78 4.89 -13.69 -0.54
CA THR C 78 3.75 -13.64 0.36
C THR C 78 2.43 -13.59 -0.40
N TRP C 79 2.46 -13.25 -1.70
CA TRP C 79 1.25 -13.18 -2.50
C TRP C 79 0.68 -14.58 -2.78
N ALA C 80 1.54 -15.60 -2.65
CA ALA C 80 1.11 -16.98 -2.72
C ALA C 80 0.23 -17.28 -1.50
#